data_3B0A
#
_entry.id   3B0A
#
_cell.length_a   113.650
_cell.length_b   113.650
_cell.length_c   75.663
_cell.angle_alpha   90.00
_cell.angle_beta   90.00
_cell.angle_gamma   120.00
#
_symmetry.space_group_name_H-M   'P 6'
#
loop_
_entity.id
_entity.type
_entity.pdbx_description
1 polymer Polyubiquitin-C
2 polymer 'RanBP-type and C3HC4-type zinc finger-containing protein 1'
3 non-polymer TRIS(HYDROXYETHYL)AMINOMETHANE
4 non-polymer 'ZINC ION'
5 water water
#
loop_
_entity_poly.entity_id
_entity_poly.type
_entity_poly.pdbx_seq_one_letter_code
_entity_poly.pdbx_strand_id
1 'polypeptide(L)'
;MQIFVKTLTGKTITLEVEPSDTIENVKAKIQDKEGIPPDQQRLIFAGKQLEDGRTLSDYNIQKESTLHLVLRLRGGMQIF
VKTLTGKTITLEVEPSDTIENVKAKIQDKEGIPPDQQRLIFAGKQLEDGRTLSDYNIQKESTLHLVLRLRGG
;
A,D
2 'polypeptide(L)' GPGHMPVGWQCPGCTFINKPTRPGCEMCCRARPETYQIPASYQPDEEERARLAGEEEALRQYQQ B,E
#
loop_
_chem_comp.id
_chem_comp.type
_chem_comp.name
_chem_comp.formula
TAM non-polymer TRIS(HYDROXYETHYL)AMINOMETHANE 'C7 H17 N O3'
ZN non-polymer 'ZINC ION' 'Zn 2'
#
# COMPACT_ATOMS: atom_id res chain seq x y z
N MET A 1 -7.84 -32.83 -11.05
CA MET A 1 -6.70 -32.32 -10.29
C MET A 1 -7.06 -30.94 -9.73
N GLN A 2 -6.33 -30.50 -8.71
CA GLN A 2 -6.57 -29.20 -8.10
C GLN A 2 -5.60 -28.16 -8.60
N ILE A 3 -6.09 -26.95 -8.81
CA ILE A 3 -5.23 -25.78 -8.99
C ILE A 3 -5.69 -24.65 -8.08
N PHE A 4 -4.80 -23.69 -7.81
CA PHE A 4 -5.13 -22.59 -6.91
C PHE A 4 -5.04 -21.26 -7.64
N VAL A 5 -6.00 -20.39 -7.36
CA VAL A 5 -6.04 -19.05 -7.96
C VAL A 5 -5.92 -18.00 -6.87
N LYS A 6 -4.83 -17.23 -6.91
CA LYS A 6 -4.55 -16.23 -5.90
C LYS A 6 -5.01 -14.86 -6.40
N THR A 7 -5.78 -14.18 -5.57
CA THR A 7 -6.25 -12.85 -5.95
C THR A 7 -5.31 -11.81 -5.35
N LEU A 8 -5.44 -10.56 -5.78
CA LEU A 8 -4.62 -9.49 -5.20
C LEU A 8 -5.09 -9.29 -3.76
N THR A 9 -6.41 -9.23 -3.60
CA THR A 9 -7.07 -9.10 -2.29
C THR A 9 -6.65 -10.19 -1.30
N GLY A 10 -5.55 -10.87 -1.58
CA GLY A 10 -5.05 -11.92 -0.71
C GLY A 10 -5.60 -13.31 -0.99
N LYS A 11 -6.93 -13.41 -1.07
CA LYS A 11 -7.65 -14.69 -1.14
C LYS A 11 -7.16 -15.74 -2.15
N THR A 12 -7.25 -17.00 -1.75
CA THR A 12 -6.91 -18.12 -2.63
C THR A 12 -8.11 -19.00 -2.92
N ILE A 13 -8.36 -19.21 -4.22
CA ILE A 13 -9.50 -19.99 -4.68
C ILE A 13 -9.02 -21.36 -5.11
N THR A 14 -9.69 -22.40 -4.64
CA THR A 14 -9.31 -23.76 -5.01
C THR A 14 -10.25 -24.31 -6.08
N LEU A 15 -9.69 -24.78 -7.18
CA LEU A 15 -10.51 -25.30 -8.28
C LEU A 15 -10.17 -26.75 -8.59
N GLU A 16 -11.17 -27.45 -9.10
CA GLU A 16 -11.04 -28.80 -9.61
C GLU A 16 -11.10 -28.72 -11.13
N VAL A 17 -10.05 -29.22 -11.78
CA VAL A 17 -9.89 -29.04 -13.23
C VAL A 17 -9.24 -30.28 -13.86
N GLU A 18 -9.25 -30.32 -15.19
CA GLU A 18 -8.46 -31.31 -15.92
C GLU A 18 -7.47 -30.56 -16.82
N PRO A 19 -6.30 -31.15 -17.10
CA PRO A 19 -5.33 -30.46 -17.95
C PRO A 19 -5.94 -29.97 -19.26
N SER A 20 -6.98 -30.66 -19.73
CA SER A 20 -7.65 -30.29 -20.98
C SER A 20 -8.61 -29.10 -20.88
N ASP A 21 -8.89 -28.62 -19.67
CA ASP A 21 -9.79 -27.48 -19.51
C ASP A 21 -9.24 -26.23 -20.18
N THR A 22 -10.12 -25.48 -20.85
CA THR A 22 -9.68 -24.23 -21.47
C THR A 22 -9.64 -23.12 -20.43
N ILE A 23 -8.90 -22.05 -20.74
CA ILE A 23 -8.87 -20.91 -19.85
C ILE A 23 -10.30 -20.41 -19.59
N GLU A 24 -11.13 -20.46 -20.64
CA GLU A 24 -12.53 -20.08 -20.51
C GLU A 24 -13.23 -20.92 -19.45
N ASN A 25 -13.00 -22.24 -19.47
CA ASN A 25 -13.62 -23.14 -18.50
C ASN A 25 -13.17 -22.77 -17.10
N VAL A 26 -11.88 -22.49 -16.97
CA VAL A 26 -11.35 -22.11 -15.68
C VAL A 26 -12.03 -20.83 -15.17
N LYS A 27 -12.19 -19.83 -16.04
CA LYS A 27 -12.85 -18.59 -15.62
C LYS A 27 -14.30 -18.82 -15.22
N ALA A 28 -14.94 -19.78 -15.89
CA ALA A 28 -16.32 -20.15 -15.58
C ALA A 28 -16.40 -20.78 -14.18
N LYS A 29 -15.39 -21.57 -13.82
CA LYS A 29 -15.32 -22.18 -12.50
C LYS A 29 -15.07 -21.11 -11.42
N ILE A 30 -14.28 -20.10 -11.76
CA ILE A 30 -14.06 -18.96 -10.85
C ILE A 30 -15.36 -18.18 -10.69
N GLN A 31 -16.07 -17.97 -11.80
CA GLN A 31 -17.38 -17.32 -11.72
C GLN A 31 -18.38 -18.12 -10.86
N ASP A 32 -18.35 -19.43 -10.98
CA ASP A 32 -19.24 -20.28 -10.18
C ASP A 32 -18.98 -20.10 -8.69
N LYS A 33 -17.71 -19.93 -8.33
CA LYS A 33 -17.34 -19.80 -6.92
C LYS A 33 -17.46 -18.38 -6.37
N GLU A 34 -17.05 -17.41 -7.18
CA GLU A 34 -16.82 -16.06 -6.70
C GLU A 34 -17.75 -15.02 -7.33
N GLY A 35 -18.55 -15.42 -8.31
CA GLY A 35 -19.51 -14.49 -8.90
C GLY A 35 -18.92 -13.57 -9.94
N ILE A 36 -17.62 -13.70 -10.20
CA ILE A 36 -16.90 -12.82 -11.11
C ILE A 36 -17.11 -13.20 -12.58
N PRO A 37 -17.69 -12.29 -13.38
CA PRO A 37 -17.88 -12.59 -14.81
C PRO A 37 -16.53 -12.82 -15.49
N PRO A 38 -16.44 -13.87 -16.33
CA PRO A 38 -15.17 -14.20 -16.99
C PRO A 38 -14.61 -13.03 -17.78
N ASP A 39 -15.46 -12.14 -18.28
CA ASP A 39 -14.95 -11.02 -19.09
C ASP A 39 -14.21 -9.96 -18.27
N GLN A 40 -14.26 -10.08 -16.95
CA GLN A 40 -13.56 -9.18 -16.07
C GLN A 40 -12.31 -9.79 -15.47
N GLN A 41 -12.02 -11.04 -15.85
CA GLN A 41 -10.93 -11.80 -15.24
C GLN A 41 -9.69 -11.83 -16.12
N ARG A 42 -8.54 -11.51 -15.53
CA ARG A 42 -7.28 -11.73 -16.19
C ARG A 42 -6.55 -12.78 -15.37
N LEU A 43 -6.21 -13.91 -16.00
CA LEU A 43 -5.46 -14.95 -15.30
C LEU A 43 -4.03 -14.91 -15.77
N ILE A 44 -3.09 -15.10 -14.84
CA ILE A 44 -1.68 -14.95 -15.14
C ILE A 44 -0.92 -16.16 -14.65
N PHE A 45 -0.02 -16.71 -15.49
CA PHE A 45 0.81 -17.83 -15.11
C PHE A 45 2.11 -17.78 -15.91
N ALA A 46 3.22 -18.09 -15.26
CA ALA A 46 4.54 -18.01 -15.90
C ALA A 46 4.78 -16.60 -16.46
N GLY A 47 4.18 -15.60 -15.82
CA GLY A 47 4.35 -14.21 -16.23
C GLY A 47 3.55 -13.77 -17.45
N LYS A 48 2.66 -14.63 -17.92
CA LYS A 48 1.88 -14.35 -19.13
C LYS A 48 0.40 -14.22 -18.83
N GLN A 49 -0.28 -13.39 -19.60
CA GLN A 49 -1.74 -13.36 -19.61
C GLN A 49 -2.29 -14.54 -20.42
N LEU A 50 -3.09 -15.41 -19.78
CA LEU A 50 -3.58 -16.61 -20.44
C LEU A 50 -4.75 -16.33 -21.37
N GLU A 51 -4.71 -16.89 -22.59
CA GLU A 51 -5.75 -16.68 -23.60
C GLU A 51 -6.88 -17.70 -23.48
N ASP A 52 -8.11 -17.25 -23.70
CA ASP A 52 -9.31 -18.02 -23.42
C ASP A 52 -9.44 -19.38 -24.15
N GLY A 53 -8.90 -19.45 -25.36
CA GLY A 53 -9.06 -20.64 -26.18
C GLY A 53 -8.01 -21.71 -25.95
N ARG A 54 -6.96 -21.38 -25.21
CA ARG A 54 -5.93 -22.35 -24.86
C ARG A 54 -6.35 -23.18 -23.64
N THR A 55 -5.60 -24.24 -23.37
CA THR A 55 -5.92 -25.12 -22.25
C THR A 55 -4.82 -25.04 -21.20
N LEU A 56 -5.08 -25.59 -20.02
CA LEU A 56 -4.06 -25.63 -18.99
C LEU A 56 -2.83 -26.36 -19.52
N SER A 57 -3.05 -27.49 -20.19
CA SER A 57 -1.95 -28.26 -20.75
C SER A 57 -1.14 -27.44 -21.75
N ASP A 58 -1.81 -26.64 -22.56
CA ASP A 58 -1.10 -25.79 -23.51
C ASP A 58 -0.04 -24.95 -22.79
N TYR A 59 -0.37 -24.46 -21.60
CA TYR A 59 0.58 -23.65 -20.83
C TYR A 59 1.45 -24.44 -19.86
N ASN A 60 1.39 -25.76 -19.95
CA ASN A 60 2.11 -26.62 -19.00
C ASN A 60 1.78 -26.30 -17.55
N ILE A 61 0.51 -26.00 -17.31
CA ILE A 61 0.00 -25.83 -15.95
C ILE A 61 -0.32 -27.20 -15.37
N GLN A 62 0.41 -27.60 -14.33
CA GLN A 62 0.26 -28.93 -13.77
C GLN A 62 -0.55 -28.93 -12.48
N LYS A 63 -0.81 -30.11 -11.94
CA LYS A 63 -1.56 -30.22 -10.70
C LYS A 63 -0.93 -29.32 -9.62
N GLU A 64 -1.81 -28.69 -8.84
CA GLU A 64 -1.42 -27.81 -7.73
C GLU A 64 -0.63 -26.56 -8.10
N SER A 65 -0.71 -26.15 -9.35
CA SER A 65 -0.16 -24.86 -9.78
C SER A 65 -0.98 -23.72 -9.17
N THR A 66 -0.34 -22.57 -8.99
CA THR A 66 -1.03 -21.35 -8.58
C THR A 66 -1.12 -20.43 -9.79
N LEU A 67 -2.34 -19.97 -10.09
CA LEU A 67 -2.54 -18.90 -11.05
C LEU A 67 -2.85 -17.61 -10.30
N HIS A 68 -2.50 -16.48 -10.90
CA HIS A 68 -2.82 -15.19 -10.29
C HIS A 68 -3.96 -14.54 -11.06
N LEU A 69 -4.93 -14.03 -10.32
CA LEU A 69 -6.12 -13.39 -10.87
C LEU A 69 -6.09 -11.87 -10.62
N VAL A 70 -6.23 -11.09 -11.70
CA VAL A 70 -6.40 -9.65 -11.59
C VAL A 70 -7.71 -9.29 -12.26
N LEU A 71 -8.51 -8.43 -11.63
CA LEU A 71 -9.79 -8.03 -12.22
C LEU A 71 -9.66 -6.73 -13.01
N ARG A 72 -10.28 -6.69 -14.18
CA ARG A 72 -10.20 -5.50 -15.01
C ARG A 72 -11.57 -5.20 -15.62
N LEU A 73 -11.88 -3.93 -15.79
CA LEU A 73 -13.14 -3.51 -16.39
C LEU A 73 -13.23 -3.97 -17.83
N ARG A 74 -14.40 -4.47 -18.19
CA ARG A 74 -14.67 -5.02 -19.51
C ARG A 74 -14.26 -4.07 -20.63
N GLY A 75 -14.62 -2.80 -20.52
CA GLY A 75 -14.30 -1.85 -21.57
C GLY A 75 -13.17 -0.89 -21.21
N GLY A 76 -12.37 -1.26 -20.22
CA GLY A 76 -11.39 -0.34 -19.69
C GLY A 76 -10.11 -0.30 -20.50
N MET A 77 -9.24 0.63 -20.13
CA MET A 77 -7.89 0.73 -20.69
C MET A 77 -7.04 1.42 -19.65
N GLN A 78 -5.74 1.47 -19.89
CA GLN A 78 -4.84 2.20 -19.01
C GLN A 78 -4.32 3.48 -19.63
N ILE A 79 -4.12 4.50 -18.80
CA ILE A 79 -3.34 5.67 -19.19
C ILE A 79 -2.26 5.92 -18.13
N PHE A 80 -1.24 6.69 -18.49
CA PHE A 80 -0.21 7.08 -17.52
C PHE A 80 -0.35 8.56 -17.21
N VAL A 81 -0.15 8.90 -15.94
CA VAL A 81 -0.15 10.30 -15.54
C VAL A 81 1.23 10.60 -14.98
N LYS A 82 1.95 11.46 -15.67
CA LYS A 82 3.31 11.79 -15.28
C LYS A 82 3.26 13.03 -14.38
N THR A 83 3.90 13.00 -13.22
CA THR A 83 3.94 14.17 -12.34
C THR A 83 5.24 14.92 -12.51
N LEU A 84 5.28 16.18 -12.09
CA LEU A 84 6.52 16.95 -12.11
C LEU A 84 7.57 16.44 -11.13
N THR A 85 7.20 15.51 -10.26
CA THR A 85 8.17 14.86 -9.39
C THR A 85 8.75 13.61 -10.05
N GLY A 86 8.21 13.27 -11.22
CA GLY A 86 8.75 12.17 -11.98
C GLY A 86 8.06 10.85 -11.65
N LYS A 87 7.24 10.87 -10.62
CA LYS A 87 6.38 9.71 -10.37
C LYS A 87 5.45 9.52 -11.58
N THR A 88 5.37 8.31 -12.10
CA THR A 88 4.34 8.00 -13.10
C THR A 88 3.29 7.11 -12.47
N ILE A 89 2.04 7.56 -12.49
CA ILE A 89 0.99 6.70 -11.98
C ILE A 89 0.21 6.08 -13.13
N THR A 90 -0.19 4.82 -12.96
CA THR A 90 -0.89 4.12 -14.03
C THR A 90 -2.32 3.95 -13.54
N LEU A 91 -3.27 4.33 -14.38
CA LEU A 91 -4.67 4.29 -13.98
C LEU A 91 -5.49 3.46 -14.94
N GLU A 92 -6.51 2.77 -14.40
CA GLU A 92 -7.51 2.14 -15.24
C GLU A 92 -8.66 3.12 -15.44
N VAL A 93 -8.96 3.42 -16.70
CA VAL A 93 -10.02 4.35 -17.04
C VAL A 93 -10.83 3.80 -18.21
N GLU A 94 -11.88 4.51 -18.61
CA GLU A 94 -12.54 4.17 -19.85
C GLU A 94 -12.74 5.43 -20.67
N PRO A 95 -12.98 5.27 -21.97
CA PRO A 95 -13.24 6.41 -22.87
C PRO A 95 -14.30 7.35 -22.30
N SER A 96 -15.26 6.82 -21.55
CA SER A 96 -16.38 7.61 -21.02
C SER A 96 -16.00 8.48 -19.81
N ASP A 97 -14.87 8.18 -19.17
CA ASP A 97 -14.46 8.98 -18.02
C ASP A 97 -14.22 10.45 -18.36
N THR A 98 -14.77 11.35 -17.55
CA THR A 98 -14.49 12.78 -17.65
C THR A 98 -13.15 13.04 -16.99
N ILE A 99 -12.56 14.18 -17.31
CA ILE A 99 -11.31 14.57 -16.66
C ILE A 99 -11.50 14.61 -15.14
N GLU A 100 -12.67 15.04 -14.71
CA GLU A 100 -13.00 15.08 -13.28
C GLU A 100 -12.92 13.67 -12.70
N ASN A 101 -13.44 12.69 -13.44
CA ASN A 101 -13.38 11.29 -13.02
C ASN A 101 -11.92 10.86 -12.86
N VAL A 102 -11.09 11.26 -13.81
CA VAL A 102 -9.67 10.89 -13.77
C VAL A 102 -8.98 11.53 -12.56
N LYS A 103 -9.30 12.78 -12.29
CA LYS A 103 -8.76 13.47 -11.12
C LYS A 103 -9.11 12.74 -9.82
N ALA A 104 -10.32 12.23 -9.73
CA ALA A 104 -10.75 11.51 -8.54
C ALA A 104 -9.85 10.30 -8.32
N LYS A 105 -9.45 9.64 -9.40
CA LYS A 105 -8.57 8.47 -9.28
C LYS A 105 -7.15 8.88 -8.88
N ILE A 106 -6.70 10.00 -9.41
CA ILE A 106 -5.40 10.58 -9.02
C ILE A 106 -5.37 10.97 -7.54
N GLN A 107 -6.49 11.49 -7.03
CA GLN A 107 -6.55 11.87 -5.63
C GLN A 107 -6.33 10.65 -4.73
N ASP A 108 -6.77 9.50 -5.20
CA ASP A 108 -6.59 8.29 -4.41
C ASP A 108 -5.11 7.93 -4.28
N LYS A 109 -4.36 8.12 -5.37
CA LYS A 109 -2.93 7.83 -5.36
C LYS A 109 -2.05 8.95 -4.77
N GLU A 110 -2.39 10.20 -5.06
CA GLU A 110 -1.57 11.35 -4.69
C GLU A 110 -2.04 12.12 -3.46
N GLY A 111 -3.31 11.96 -3.10
CA GLY A 111 -3.86 12.68 -1.97
C GLY A 111 -4.09 14.15 -2.24
N ILE A 112 -4.24 14.51 -3.51
CA ILE A 112 -4.47 15.89 -3.92
C ILE A 112 -5.92 16.08 -4.39
N PRO A 113 -6.64 17.07 -3.84
CA PRO A 113 -8.02 17.34 -4.28
C PRO A 113 -8.06 17.70 -5.75
N PRO A 114 -9.11 17.27 -6.46
CA PRO A 114 -9.23 17.55 -7.91
C PRO A 114 -9.10 19.05 -8.25
N ASP A 115 -9.64 19.92 -7.39
CA ASP A 115 -9.59 21.35 -7.67
C ASP A 115 -8.16 21.91 -7.61
N GLN A 116 -7.23 21.12 -7.08
CA GLN A 116 -5.82 21.52 -7.10
C GLN A 116 -5.01 20.74 -8.14
N GLN A 117 -5.68 19.95 -8.95
CA GLN A 117 -5.03 19.22 -10.02
C GLN A 117 -5.29 19.90 -11.35
N ARG A 118 -4.24 20.09 -12.15
CA ARG A 118 -4.43 20.37 -13.57
C ARG A 118 -3.83 19.25 -14.43
N LEU A 119 -4.54 18.87 -15.49
CA LEU A 119 -4.03 17.83 -16.38
C LEU A 119 -3.75 18.43 -17.75
N ILE A 120 -2.54 18.17 -18.24
CA ILE A 120 -2.10 18.67 -19.55
C ILE A 120 -1.90 17.49 -20.51
N PHE A 121 -2.38 17.65 -21.74
CA PHE A 121 -2.18 16.64 -22.78
C PHE A 121 -1.97 17.35 -24.11
N ALA A 122 -0.90 17.00 -24.81
CA ALA A 122 -0.65 17.54 -26.14
C ALA A 122 -0.56 19.05 -26.10
N GLY A 123 0.03 19.58 -25.03
CA GLY A 123 0.26 21.00 -24.91
C GLY A 123 -0.94 21.79 -24.41
N LYS A 124 -2.04 21.10 -24.09
CA LYS A 124 -3.29 21.77 -23.74
C LYS A 124 -3.77 21.35 -22.36
N GLN A 125 -4.22 22.30 -21.56
CA GLN A 125 -4.80 21.97 -20.25
C GLN A 125 -6.21 21.43 -20.49
N LEU A 126 -6.53 20.31 -19.87
CA LEU A 126 -7.80 19.64 -20.12
C LEU A 126 -8.89 20.21 -19.23
N GLU A 127 -10.12 20.18 -19.74
CA GLU A 127 -11.26 20.72 -19.00
C GLU A 127 -12.09 19.64 -18.30
N ASP A 128 -12.48 19.93 -17.06
CA ASP A 128 -13.07 18.94 -16.15
C ASP A 128 -14.23 18.12 -16.71
N GLY A 129 -15.13 18.78 -17.43
CA GLY A 129 -16.38 18.16 -17.82
C GLY A 129 -16.35 17.38 -19.12
N ARG A 130 -15.18 17.26 -19.74
CA ARG A 130 -15.05 16.56 -21.01
C ARG A 130 -14.49 15.16 -20.78
N THR A 131 -14.75 14.25 -21.73
CA THR A 131 -14.28 12.87 -21.62
C THR A 131 -12.95 12.61 -22.32
N LEU A 132 -12.28 11.53 -21.91
CA LEU A 132 -11.09 11.05 -22.58
C LEU A 132 -11.38 10.82 -24.07
N SER A 133 -12.57 10.33 -24.35
CA SER A 133 -13.03 10.10 -25.70
C SER A 133 -13.08 11.40 -26.49
N ASP A 134 -13.61 12.44 -25.87
CA ASP A 134 -13.72 13.75 -26.49
C ASP A 134 -12.35 14.26 -26.92
N TYR A 135 -11.34 14.00 -26.07
CA TYR A 135 -9.99 14.46 -26.33
C TYR A 135 -9.15 13.51 -27.18
N ASN A 136 -9.77 12.42 -27.65
CA ASN A 136 -9.07 11.35 -28.36
C ASN A 136 -7.85 10.89 -27.56
N ILE A 137 -8.06 10.61 -26.29
CA ILE A 137 -7.02 10.05 -25.45
C ILE A 137 -7.18 8.53 -25.41
N GLN A 138 -6.22 7.83 -26.00
CA GLN A 138 -6.33 6.38 -26.20
C GLN A 138 -5.51 5.60 -25.18
N LYS A 139 -5.57 4.28 -25.29
CA LYS A 139 -4.86 3.42 -24.34
C LYS A 139 -3.39 3.79 -24.32
N GLU A 140 -2.80 3.79 -23.12
CA GLU A 140 -1.37 4.07 -22.95
C GLU A 140 -0.91 5.49 -23.29
N SER A 141 -1.87 6.41 -23.43
CA SER A 141 -1.56 7.84 -23.50
C SER A 141 -0.94 8.29 -22.19
N THR A 142 -0.01 9.24 -22.28
CA THR A 142 0.52 9.88 -21.07
C THR A 142 -0.04 11.29 -20.87
N LEU A 143 -0.68 11.52 -19.72
CA LEU A 143 -1.09 12.86 -19.33
C LEU A 143 -0.09 13.41 -18.31
N HIS A 144 -0.02 14.73 -18.21
CA HIS A 144 0.87 15.35 -17.23
C HIS A 144 0.10 16.12 -16.15
N LEU A 145 0.35 15.75 -14.89
CA LEU A 145 -0.31 16.36 -13.76
C LEU A 145 0.52 17.52 -13.24
N VAL A 146 -0.11 18.68 -13.11
CA VAL A 146 0.52 19.81 -12.44
C VAL A 146 -0.33 20.22 -11.24
N LEU A 147 0.34 20.51 -10.13
CA LEU A 147 -0.33 20.88 -8.89
C LEU A 147 -0.56 22.39 -8.81
N ARG A 148 -1.74 22.77 -8.37
CA ARG A 148 -2.08 24.15 -8.10
C ARG A 148 -1.86 24.36 -6.59
N LEU A 149 -0.74 24.97 -6.23
CA LEU A 149 -0.41 25.14 -4.82
C LEU A 149 -0.67 26.57 -4.37
N ARG A 150 -1.32 26.73 -3.23
CA ARG A 150 -1.67 28.07 -2.76
C ARG A 150 -0.47 28.95 -2.42
N GLY A 151 -0.66 30.27 -2.54
CA GLY A 151 0.34 31.24 -2.11
C GLY A 151 1.15 31.82 -3.25
N MET B 5 8.53 -17.55 -21.04
CA MET B 5 9.14 -16.88 -22.19
C MET B 5 9.10 -15.34 -22.17
N PRO B 6 8.21 -14.73 -21.36
CA PRO B 6 8.18 -13.27 -21.41
C PRO B 6 9.50 -12.63 -20.98
N VAL B 7 9.78 -11.46 -21.54
CA VAL B 7 10.97 -10.70 -21.19
C VAL B 7 10.54 -9.34 -20.66
N GLY B 8 11.12 -8.93 -19.52
CA GLY B 8 10.82 -7.64 -18.93
C GLY B 8 10.84 -7.64 -17.41
N TRP B 9 10.09 -6.71 -16.81
CA TRP B 9 10.01 -6.61 -15.37
C TRP B 9 8.78 -7.30 -14.82
N GLN B 10 9.01 -8.24 -13.90
CA GLN B 10 7.89 -8.88 -13.22
C GLN B 10 7.23 -7.90 -12.26
N CYS B 11 5.92 -7.76 -12.37
CA CYS B 11 5.18 -7.01 -11.38
C CYS B 11 5.17 -7.85 -10.10
N PRO B 12 5.71 -7.33 -8.99
CA PRO B 12 5.73 -8.18 -7.79
C PRO B 12 4.33 -8.34 -7.21
N GLY B 13 3.39 -7.53 -7.68
CA GLY B 13 2.01 -7.62 -7.21
C GLY B 13 1.23 -8.79 -7.81
N CYS B 14 1.28 -8.92 -9.14
CA CYS B 14 0.46 -9.91 -9.85
C CYS B 14 1.26 -10.97 -10.60
N THR B 15 2.59 -10.76 -10.64
CA THR B 15 3.56 -11.62 -11.32
C THR B 15 3.56 -11.54 -12.85
N PHE B 16 2.76 -10.64 -13.42
CA PHE B 16 2.79 -10.42 -14.87
C PHE B 16 4.16 -9.86 -15.22
N ILE B 17 4.69 -10.27 -16.36
CA ILE B 17 5.99 -9.76 -16.82
C ILE B 17 5.80 -8.68 -17.89
N ASN B 18 6.22 -7.46 -17.58
CA ASN B 18 5.95 -6.26 -18.37
C ASN B 18 7.07 -5.86 -19.33
N LYS B 19 6.71 -5.14 -20.38
CA LYS B 19 7.73 -4.59 -21.27
C LYS B 19 8.65 -3.70 -20.44
N PRO B 20 9.97 -3.82 -20.64
CA PRO B 20 10.94 -3.07 -19.83
C PRO B 20 10.61 -1.60 -19.71
N THR B 21 10.15 -1.00 -20.81
CA THR B 21 9.94 0.45 -20.84
C THR B 21 8.57 0.93 -20.34
N ARG B 22 7.68 0.02 -19.97
CA ARG B 22 6.37 0.43 -19.45
C ARG B 22 6.49 0.85 -17.98
N PRO B 23 5.98 2.05 -17.64
CA PRO B 23 6.13 2.66 -16.31
C PRO B 23 5.29 1.99 -15.21
N GLY B 24 4.30 1.21 -15.62
CA GLY B 24 3.36 0.60 -14.69
C GLY B 24 2.82 -0.72 -15.25
N CYS B 25 2.32 -1.59 -14.37
CA CYS B 25 1.97 -2.96 -14.75
C CYS B 25 0.76 -3.01 -15.66
N GLU B 26 0.93 -3.69 -16.79
CA GLU B 26 -0.14 -3.78 -17.80
C GLU B 26 -1.38 -4.45 -17.24
N MET B 27 -1.21 -5.30 -16.23
CA MET B 27 -2.34 -6.01 -15.63
C MET B 27 -2.98 -5.26 -14.47
N CYS B 28 -2.17 -4.82 -13.51
CA CYS B 28 -2.71 -4.32 -12.25
C CYS B 28 -2.37 -2.87 -11.89
N CYS B 29 -1.69 -2.17 -12.79
CA CYS B 29 -1.40 -0.74 -12.61
C CYS B 29 -0.24 -0.44 -11.62
N ARG B 30 0.30 -1.46 -10.95
CA ARG B 30 1.36 -1.21 -9.98
C ARG B 30 2.61 -0.63 -10.68
N ALA B 31 3.29 0.31 -10.01
CA ALA B 31 4.43 0.98 -10.63
C ALA B 31 5.60 0.03 -10.87
N ARG B 32 6.40 0.29 -11.90
CA ARG B 32 7.60 -0.51 -12.14
C ARG B 32 8.57 -0.39 -10.96
N PRO B 33 9.19 -1.51 -10.53
CA PRO B 33 10.17 -1.41 -9.44
C PRO B 33 11.26 -0.41 -9.81
N GLU B 34 11.62 0.46 -8.87
CA GLU B 34 12.63 1.47 -9.11
C GLU B 34 14.01 0.84 -9.36
N THR B 35 14.21 -0.38 -8.86
CA THR B 35 15.50 -1.05 -9.00
C THR B 35 15.70 -1.75 -10.35
N TYR B 36 14.63 -1.91 -11.12
CA TYR B 36 14.77 -2.57 -12.42
C TYR B 36 15.41 -1.60 -13.41
N GLN B 37 16.41 -2.08 -14.16
CA GLN B 37 17.10 -1.27 -15.17
C GLN B 37 16.69 -1.72 -16.55
N ILE B 38 16.17 -0.80 -17.34
CA ILE B 38 15.86 -1.12 -18.73
C ILE B 38 17.14 -1.52 -19.45
N PRO B 39 17.17 -2.71 -20.07
CA PRO B 39 18.44 -3.07 -20.74
C PRO B 39 18.73 -2.21 -21.96
N ALA B 40 19.99 -1.77 -22.14
CA ALA B 40 20.35 -1.02 -23.35
C ALA B 40 20.06 -1.83 -24.63
N SER B 41 19.99 -3.15 -24.50
CA SER B 41 19.85 -4.04 -25.66
C SER B 41 18.40 -4.44 -25.93
N TYR B 42 17.48 -3.92 -25.13
CA TYR B 42 16.05 -4.15 -25.36
C TYR B 42 15.61 -3.55 -26.70
N GLN B 43 14.90 -4.33 -27.50
CA GLN B 43 14.41 -3.86 -28.79
C GLN B 43 12.88 -3.92 -28.76
N PRO B 44 12.21 -2.78 -28.55
CA PRO B 44 10.76 -2.84 -28.32
C PRO B 44 9.99 -3.22 -29.57
N ASP B 45 8.87 -3.91 -29.38
CA ASP B 45 7.96 -4.26 -30.46
C ASP B 45 7.46 -2.98 -31.11
N GLU B 46 6.82 -3.07 -32.26
CA GLU B 46 6.48 -1.86 -32.99
C GLU B 46 5.53 -0.95 -32.23
N GLU B 47 4.57 -1.53 -31.52
CA GLU B 47 3.60 -0.72 -30.79
C GLU B 47 4.27 0.07 -29.65
N GLU B 48 5.16 -0.58 -28.92
CA GLU B 48 5.84 0.09 -27.81
C GLU B 48 6.84 1.11 -28.37
N ARG B 49 7.52 0.75 -29.45
CA ARG B 49 8.43 1.70 -30.09
C ARG B 49 7.66 2.95 -30.50
N ALA B 50 6.51 2.77 -31.14
CA ALA B 50 5.68 3.91 -31.56
C ALA B 50 5.18 4.72 -30.35
N ARG B 51 4.86 4.04 -29.25
CA ARG B 51 4.44 4.76 -28.04
C ARG B 51 5.56 5.67 -27.57
N LEU B 52 6.75 5.10 -27.41
CA LEU B 52 7.91 5.89 -26.95
C LEU B 52 8.21 7.01 -27.93
N ALA B 53 8.13 6.72 -29.22
CA ALA B 53 8.39 7.72 -30.24
C ALA B 53 7.40 8.88 -30.09
N GLY B 54 6.19 8.57 -29.65
CA GLY B 54 5.17 9.58 -29.45
C GLY B 54 5.57 10.51 -28.31
N GLU B 55 6.01 9.90 -27.20
CA GLU B 55 6.50 10.66 -26.06
C GLU B 55 7.66 11.54 -26.50
N GLU B 56 8.58 10.98 -27.29
CA GLU B 56 9.73 11.73 -27.75
C GLU B 56 9.30 12.90 -28.64
N GLU B 57 8.23 12.69 -29.41
CA GLU B 57 7.67 13.74 -30.26
C GLU B 57 7.20 14.92 -29.41
N ALA B 58 6.52 14.62 -28.31
CA ALA B 58 5.98 15.66 -27.43
C ALA B 58 7.08 16.58 -26.89
N LEU B 59 8.18 16.01 -26.42
CA LEU B 59 9.27 16.82 -25.84
C LEU B 59 9.80 17.90 -26.78
N ARG B 60 9.94 17.57 -28.06
CA ARG B 60 10.56 18.49 -29.01
C ARG B 60 9.63 19.66 -29.36
N GLN B 61 8.36 19.52 -28.99
CA GLN B 61 7.38 20.56 -29.27
C GLN B 61 7.16 21.47 -28.07
N MET C 1 -6.33 32.21 12.54
CA MET C 1 -5.50 31.75 11.43
C MET C 1 -5.94 30.36 10.95
N GLN C 2 -5.50 30.00 9.75
CA GLN C 2 -5.84 28.68 9.19
C GLN C 2 -4.69 27.69 9.31
N ILE C 3 -5.02 26.45 9.66
CA ILE C 3 -4.07 25.35 9.52
C ILE C 3 -4.76 24.19 8.84
N PHE C 4 -3.97 23.23 8.38
CA PHE C 4 -4.51 22.13 7.61
C PHE C 4 -4.14 20.80 8.24
N VAL C 5 -5.09 19.86 8.18
CA VAL C 5 -4.84 18.52 8.70
C VAL C 5 -4.98 17.51 7.56
N LYS C 6 -3.88 16.82 7.28
CA LYS C 6 -3.79 15.85 6.20
C LYS C 6 -3.99 14.44 6.75
N THR C 7 -4.89 13.68 6.13
CA THR C 7 -5.17 12.34 6.61
C THR C 7 -4.48 11.28 5.78
N LEU C 8 -4.46 10.05 6.29
CA LEU C 8 -3.90 8.94 5.50
C LEU C 8 -4.83 8.50 4.35
N THR C 9 -6.00 9.13 4.24
CA THR C 9 -6.97 8.76 3.21
C THR C 9 -7.07 9.77 2.06
N GLY C 10 -6.04 10.59 1.86
CA GLY C 10 -6.02 11.54 0.74
C GLY C 10 -6.81 12.83 0.97
N LYS C 11 -7.09 13.11 2.24
CA LYS C 11 -7.98 14.20 2.62
C LYS C 11 -7.22 15.32 3.33
N THR C 12 -7.61 16.56 3.04
CA THR C 12 -7.08 17.73 3.74
C THR C 12 -8.21 18.48 4.44
N ILE C 13 -8.10 18.64 5.76
CA ILE C 13 -9.09 19.33 6.57
C ILE C 13 -8.59 20.71 6.98
N THR C 14 -9.37 21.74 6.66
CA THR C 14 -9.02 23.10 6.99
C THR C 14 -9.64 23.49 8.33
N LEU C 15 -8.81 23.98 9.25
CA LEU C 15 -9.29 24.43 10.55
C LEU C 15 -8.96 25.91 10.74
N GLU C 16 -9.87 26.61 11.44
CA GLU C 16 -9.60 27.95 11.92
C GLU C 16 -9.21 27.89 13.40
N VAL C 17 -8.02 28.41 13.72
CA VAL C 17 -7.46 28.30 15.06
C VAL C 17 -6.72 29.56 15.46
N GLU C 18 -6.28 29.59 16.73
CA GLU C 18 -5.39 30.61 17.24
C GLU C 18 -4.17 29.87 17.75
N PRO C 19 -3.00 30.52 17.73
CA PRO C 19 -1.77 29.89 18.20
C PRO C 19 -1.90 29.41 19.65
N SER C 20 -2.76 30.05 20.43
CA SER C 20 -2.96 29.67 21.83
C SER C 20 -3.87 28.44 22.02
N ASP C 21 -4.52 27.99 20.95
CA ASP C 21 -5.37 26.80 21.03
C ASP C 21 -4.54 25.58 21.46
N THR C 22 -5.09 24.77 22.37
CA THR C 22 -4.41 23.53 22.77
C THR C 22 -4.64 22.44 21.73
N ILE C 23 -3.77 21.44 21.74
CA ILE C 23 -3.94 20.27 20.88
C ILE C 23 -5.31 19.65 21.14
N GLU C 24 -5.72 19.67 22.40
CA GLU C 24 -7.04 19.17 22.76
C GLU C 24 -8.12 19.98 22.04
N ASN C 25 -7.96 21.29 22.00
CA ASN C 25 -8.92 22.15 21.31
C ASN C 25 -8.98 21.80 19.83
N VAL C 26 -7.82 21.56 19.24
CA VAL C 26 -7.74 21.27 17.83
C VAL C 26 -8.44 19.95 17.52
N LYS C 27 -8.21 18.93 18.35
CA LYS C 27 -8.89 17.65 18.19
C LYS C 27 -10.40 17.80 18.31
N ALA C 28 -10.84 18.73 19.16
CA ALA C 28 -12.25 19.02 19.29
C ALA C 28 -12.82 19.68 18.03
N LYS C 29 -11.99 20.47 17.35
CA LYS C 29 -12.41 21.09 16.10
C LYS C 29 -12.54 20.05 14.99
N ILE C 30 -11.63 19.08 14.99
CA ILE C 30 -11.65 17.99 14.03
C ILE C 30 -12.91 17.17 14.25
N GLN C 31 -13.28 16.97 15.51
CA GLN C 31 -14.47 16.22 15.83
C GLN C 31 -15.73 16.92 15.31
N ASP C 32 -15.76 18.24 15.38
CA ASP C 32 -16.92 18.99 14.93
C ASP C 32 -17.09 18.91 13.42
N LYS C 33 -15.97 18.85 12.70
CA LYS C 33 -15.98 18.83 11.24
C LYS C 33 -16.08 17.44 10.63
N GLU C 34 -15.37 16.47 11.22
CA GLU C 34 -15.23 15.15 10.61
C GLU C 34 -15.93 14.02 11.36
N GLY C 35 -16.51 14.33 12.53
CA GLY C 35 -17.11 13.31 13.38
C GLY C 35 -16.18 12.24 13.91
N ILE C 36 -14.93 12.61 14.17
CA ILE C 36 -13.92 11.70 14.71
C ILE C 36 -13.68 11.98 16.20
N PRO C 37 -13.81 10.96 17.07
CA PRO C 37 -13.62 11.17 18.51
C PRO C 37 -12.17 11.54 18.86
N PRO C 38 -11.99 12.56 19.70
CA PRO C 38 -10.64 13.02 20.01
C PRO C 38 -9.71 11.93 20.54
N ASP C 39 -10.25 10.96 21.28
CA ASP C 39 -9.42 9.92 21.87
C ASP C 39 -8.88 8.93 20.82
N GLN C 40 -9.33 9.05 19.58
CA GLN C 40 -8.80 8.22 18.51
C GLN C 40 -7.80 8.97 17.65
N GLN C 41 -7.68 10.28 17.87
CA GLN C 41 -6.85 11.11 17.03
C GLN C 41 -5.41 11.23 17.53
N ARG C 42 -4.47 10.92 16.66
CA ARG C 42 -3.07 11.25 16.89
CA ARG C 42 -3.08 11.27 16.91
C ARG C 42 -2.69 12.35 15.89
N LEU C 43 -2.15 13.47 16.39
CA LEU C 43 -1.73 14.56 15.50
C LEU C 43 -0.22 14.64 15.52
N ILE C 44 0.38 14.92 14.38
CA ILE C 44 1.81 14.88 14.20
C ILE C 44 2.28 16.15 13.48
N PHE C 45 3.32 16.77 14.00
CA PHE C 45 3.93 17.95 13.37
C PHE C 45 5.41 17.96 13.70
N ALA C 46 6.23 18.37 12.74
CA ALA C 46 7.70 18.32 12.91
C ALA C 46 8.20 16.95 13.40
N GLY C 47 7.59 15.88 12.88
CA GLY C 47 8.01 14.53 13.20
C GLY C 47 7.60 14.08 14.59
N LYS C 48 6.78 14.88 15.28
CA LYS C 48 6.44 14.60 16.66
C LYS C 48 4.97 14.36 16.85
N GLN C 49 4.63 13.51 17.81
CA GLN C 49 3.25 13.39 18.26
C GLN C 49 2.89 14.51 19.23
N LEU C 50 1.84 15.28 18.90
CA LEU C 50 1.46 16.45 19.69
C LEU C 50 0.66 16.07 20.95
N GLU C 51 1.06 16.62 22.09
CA GLU C 51 0.41 16.31 23.37
C GLU C 51 -0.75 17.25 23.67
N ASP C 52 -1.83 16.68 24.20
CA ASP C 52 -3.09 17.39 24.41
C ASP C 52 -3.00 18.73 25.14
N GLY C 53 -2.20 18.79 26.20
CA GLY C 53 -2.15 19.97 27.03
C GLY C 53 -1.29 21.09 26.48
N ARG C 54 -0.56 20.85 25.40
CA ARG C 54 0.29 21.89 24.83
C ARG C 54 -0.51 22.69 23.80
N THR C 55 0.05 23.81 23.36
CA THR C 55 -0.63 24.68 22.42
C THR C 55 0.08 24.63 21.07
N LEU C 56 -0.58 25.15 20.03
CA LEU C 56 0.06 25.28 18.74
C LEU C 56 1.35 26.09 18.87
N SER C 57 1.29 27.18 19.63
CA SER C 57 2.46 28.03 19.82
C SER C 57 3.62 27.28 20.47
N ASP C 58 3.33 26.37 21.41
CA ASP C 58 4.38 25.57 22.03
C ASP C 58 5.18 24.80 20.97
N TYR C 59 4.53 24.39 19.90
CA TYR C 59 5.19 23.62 18.85
C TYR C 59 5.62 24.48 17.65
N ASN C 60 5.53 25.80 17.81
CA ASN C 60 5.85 26.72 16.71
C ASN C 60 5.05 26.40 15.47
N ILE C 61 3.80 26.00 15.67
CA ILE C 61 2.90 25.79 14.57
C ILE C 61 2.33 27.13 14.13
N GLN C 62 2.64 27.54 12.91
CA GLN C 62 2.26 28.87 12.44
C GLN C 62 1.13 28.78 11.43
N LYS C 63 0.65 29.94 10.98
CA LYS C 63 -0.44 29.96 10.03
C LYS C 63 -0.07 29.15 8.81
N GLU C 64 -1.07 28.45 8.26
CA GLU C 64 -0.92 27.64 7.05
C GLU C 64 -0.15 26.34 7.26
N SER C 65 0.28 26.07 8.49
CA SER C 65 0.98 24.81 8.79
C SER C 65 0.11 23.60 8.45
N THR C 66 0.76 22.48 8.15
CA THR C 66 0.06 21.22 7.91
C THR C 66 0.33 20.22 9.04
N LEU C 67 -0.74 19.71 9.67
CA LEU C 67 -0.62 18.64 10.67
C LEU C 67 -1.04 17.33 10.01
N HIS C 68 -0.51 16.20 10.47
CA HIS C 68 -0.88 14.89 9.94
C HIS C 68 -1.69 14.12 10.97
N LEU C 69 -2.84 13.63 10.56
CA LEU C 69 -3.73 12.91 11.46
C LEU C 69 -3.62 11.39 11.23
N VAL C 70 -3.45 10.62 12.31
CA VAL C 70 -3.53 9.17 12.26
C VAL C 70 -4.55 8.71 13.29
N LEU C 71 -5.45 7.81 12.92
CA LEU C 71 -6.41 7.31 13.92
C LEU C 71 -5.93 6.04 14.60
N ARG C 72 -6.14 5.95 15.91
CA ARG C 72 -5.74 4.77 16.68
C ARG C 72 -6.81 4.41 17.71
N LEU C 73 -6.90 3.13 18.06
CA LEU C 73 -7.86 2.66 19.06
C LEU C 73 -7.46 3.19 20.43
N ARG C 74 -8.40 3.81 21.13
CA ARG C 74 -8.16 4.32 22.47
C ARG C 74 -7.44 3.32 23.35
N GLY C 75 -7.89 2.06 23.32
CA GLY C 75 -7.35 1.06 24.22
C GLY C 75 -6.28 0.18 23.58
N GLY C 76 -5.80 0.58 22.42
CA GLY C 76 -4.93 -0.27 21.63
C GLY C 76 -3.45 -0.23 21.99
N MET C 77 -2.69 -1.13 21.37
CA MET C 77 -1.24 -1.20 21.54
C MET C 77 -0.66 -1.85 20.30
N GLN C 78 0.63 -1.67 20.07
CA GLN C 78 1.30 -2.29 18.94
C GLN C 78 2.01 -3.58 19.32
N ILE C 79 1.97 -4.56 18.42
CA ILE C 79 2.88 -5.68 18.53
C ILE C 79 3.59 -5.87 17.20
N PHE C 80 4.70 -6.60 17.24
CA PHE C 80 5.43 -6.91 16.02
C PHE C 80 5.31 -8.40 15.72
N VAL C 81 5.07 -8.73 14.45
CA VAL C 81 5.05 -10.13 14.04
C VAL C 81 6.21 -10.39 13.08
N LYS C 82 7.21 -11.12 13.55
CA LYS C 82 8.35 -11.52 12.72
C LYS C 82 7.99 -12.74 11.87
N THR C 83 8.30 -12.69 10.58
CA THR C 83 8.08 -13.83 9.71
C THR C 83 9.43 -14.50 9.50
N LEU C 84 9.42 -15.81 9.28
CA LEU C 84 10.68 -16.54 9.08
C LEU C 84 11.22 -16.24 7.70
N THR C 85 10.31 -15.80 6.84
CA THR C 85 10.59 -15.67 5.42
C THR C 85 11.07 -14.27 5.11
N GLY C 86 11.20 -13.45 6.14
CA GLY C 86 11.74 -12.11 5.97
C GLY C 86 11.21 -11.04 6.92
N LYS C 87 10.22 -10.29 6.45
CA LYS C 87 9.82 -9.01 7.05
C LYS C 87 9.05 -9.10 8.38
N THR C 88 9.13 -8.01 9.13
CA THR C 88 8.36 -7.84 10.35
C THR C 88 7.13 -7.01 10.05
N ILE C 89 5.96 -7.47 10.47
CA ILE C 89 4.76 -6.67 10.30
C ILE C 89 4.31 -6.10 11.64
N THR C 90 3.79 -4.87 11.60
CA THR C 90 3.42 -4.16 12.82
C THR C 90 1.90 -4.08 12.87
N LEU C 91 1.33 -4.49 13.98
CA LEU C 91 -0.13 -4.54 14.10
C LEU C 91 -0.61 -3.76 15.31
N GLU C 92 -1.78 -3.13 15.16
CA GLU C 92 -2.47 -2.54 16.28
C GLU C 92 -3.42 -3.59 16.84
N VAL C 93 -3.32 -3.86 18.13
CA VAL C 93 -4.14 -4.88 18.78
C VAL C 93 -4.58 -4.41 20.17
N GLU C 94 -5.41 -5.22 20.84
CA GLU C 94 -5.75 -4.96 22.23
C GLU C 94 -5.40 -6.20 23.04
N PRO C 95 -5.08 -6.00 24.32
CA PRO C 95 -4.79 -7.11 25.24
C PRO C 95 -5.89 -8.15 25.23
N SER C 96 -7.12 -7.74 24.90
CA SER C 96 -8.27 -8.64 24.94
C SER C 96 -8.44 -9.45 23.65
N ASP C 97 -7.74 -9.07 22.59
CA ASP C 97 -7.84 -9.78 21.31
C ASP C 97 -7.45 -11.24 21.47
N THR C 98 -8.17 -12.12 20.80
CA THR C 98 -7.82 -13.54 20.78
C THR C 98 -6.77 -13.80 19.72
N ILE C 99 -6.09 -14.94 19.83
CA ILE C 99 -5.15 -15.37 18.80
C ILE C 99 -5.82 -15.48 17.43
N GLU C 100 -7.08 -15.91 17.41
CA GLU C 100 -7.88 -15.90 16.17
C GLU C 100 -7.95 -14.52 15.56
N ASN C 101 -8.29 -13.51 16.37
CA ASN C 101 -8.40 -12.13 15.90
C ASN C 101 -7.10 -11.66 15.28
N VAL C 102 -5.98 -12.02 15.90
CA VAL C 102 -4.69 -11.58 15.43
C VAL C 102 -4.36 -12.24 14.09
N LYS C 103 -4.70 -13.52 13.96
CA LYS C 103 -4.45 -14.22 12.70
C LYS C 103 -5.29 -13.63 11.57
N ALA C 104 -6.49 -13.15 11.90
CA ALA C 104 -7.33 -12.47 10.92
C ALA C 104 -6.66 -11.18 10.45
N LYS C 105 -6.00 -10.49 11.38
CA LYS C 105 -5.30 -9.26 11.05
C LYS C 105 -4.06 -9.56 10.20
N ILE C 106 -3.37 -10.64 10.54
CA ILE C 106 -2.22 -11.10 9.76
C ILE C 106 -2.65 -11.48 8.32
N GLN C 107 -3.80 -12.12 8.20
CA GLN C 107 -4.34 -12.46 6.89
C GLN C 107 -4.54 -11.24 6.03
N ASP C 108 -5.02 -10.16 6.64
CA ASP C 108 -5.29 -8.93 5.92
C ASP C 108 -3.99 -8.36 5.35
N LYS C 109 -2.88 -8.51 6.08
CA LYS C 109 -1.58 -8.00 5.62
C LYS C 109 -0.80 -8.99 4.74
N GLU C 110 -0.86 -10.27 5.08
CA GLU C 110 -0.01 -11.29 4.45
C GLU C 110 -0.72 -12.15 3.41
N GLY C 111 -2.04 -12.10 3.39
CA GLY C 111 -2.82 -12.94 2.51
C GLY C 111 -2.80 -14.42 2.87
N ILE C 112 -2.35 -14.75 4.08
CA ILE C 112 -2.36 -16.14 4.53
C ILE C 112 -3.57 -16.46 5.40
N PRO C 113 -4.35 -17.50 5.03
CA PRO C 113 -5.50 -17.85 5.86
C PRO C 113 -5.05 -18.22 7.27
N PRO C 114 -5.90 -17.94 8.27
CA PRO C 114 -5.58 -18.30 9.66
C PRO C 114 -5.19 -19.77 9.85
N ASP C 115 -5.88 -20.70 9.19
CA ASP C 115 -5.58 -22.11 9.39
C ASP C 115 -4.21 -22.51 8.81
N GLN C 116 -3.59 -21.60 8.07
CA GLN C 116 -2.23 -21.83 7.61
C GLN C 116 -1.19 -21.02 8.37
N GLN C 117 -1.59 -20.45 9.51
CA GLN C 117 -0.70 -19.65 10.34
C GLN C 117 -0.41 -20.37 11.65
N ARG C 118 0.85 -20.39 12.04
CA ARG C 118 1.23 -20.83 13.37
C ARG C 118 1.95 -19.69 14.09
N LEU C 119 1.39 -19.25 15.20
CA LEU C 119 1.98 -18.13 15.96
C LEU C 119 2.75 -18.62 17.18
N ILE C 120 3.99 -18.14 17.31
CA ILE C 120 4.89 -18.51 18.40
C ILE C 120 5.29 -17.30 19.22
N PHE C 121 5.30 -17.46 20.54
CA PHE C 121 5.76 -16.42 21.44
C PHE C 121 6.46 -17.04 22.63
N ALA C 122 7.70 -16.63 22.87
CA ALA C 122 8.51 -17.22 23.94
C ALA C 122 8.58 -18.74 23.82
N GLY C 123 8.70 -19.23 22.59
CA GLY C 123 8.90 -20.65 22.34
C GLY C 123 7.62 -21.47 22.28
N LYS C 124 6.50 -20.83 22.61
CA LYS C 124 5.23 -21.55 22.68
C LYS C 124 4.29 -21.21 21.52
N GLN C 125 3.74 -22.24 20.90
CA GLN C 125 2.76 -22.05 19.85
C GLN C 125 1.47 -21.55 20.49
N LEU C 126 0.88 -20.52 19.90
CA LEU C 126 -0.29 -19.88 20.50
C LEU C 126 -1.61 -20.53 20.07
N GLU C 127 -2.47 -20.82 21.04
CA GLU C 127 -3.73 -21.50 20.74
C GLU C 127 -4.81 -20.49 20.37
N ASP C 128 -5.52 -20.77 19.29
CA ASP C 128 -6.69 -19.97 18.95
C ASP C 128 -7.65 -20.13 20.10
N GLY C 129 -8.25 -19.03 20.53
CA GLY C 129 -9.20 -19.08 21.63
C GLY C 129 -8.68 -18.33 22.84
N ARG C 130 -7.35 -18.30 22.98
CA ARG C 130 -6.74 -17.55 24.06
C ARG C 130 -6.45 -16.12 23.63
N THR C 131 -6.27 -15.23 24.60
CA THR C 131 -6.04 -13.82 24.31
C THR C 131 -4.57 -13.45 24.47
N LEU C 132 -4.17 -12.31 23.89
CA LEU C 132 -2.80 -11.84 24.06
C LEU C 132 -2.52 -11.68 25.54
N SER C 133 -3.54 -11.23 26.27
CA SER C 133 -3.46 -11.05 27.71
C SER C 133 -3.06 -12.35 28.39
N ASP C 134 -3.72 -13.44 28.03
CA ASP C 134 -3.48 -14.74 28.65
C ASP C 134 -2.03 -15.18 28.49
N TYR C 135 -1.36 -14.67 27.46
CA TYR C 135 0.01 -15.08 27.19
C TYR C 135 1.02 -14.05 27.68
N ASN C 136 0.56 -13.08 28.46
CA ASN C 136 1.43 -12.01 28.94
C ASN C 136 2.11 -11.29 27.79
N ILE C 137 1.43 -11.22 26.65
CA ILE C 137 1.92 -10.46 25.52
C ILE C 137 1.57 -8.99 25.72
N GLN C 138 2.60 -8.14 25.78
CA GLN C 138 2.42 -6.74 26.13
C GLN C 138 2.66 -5.81 24.96
N LYS C 139 2.59 -4.50 25.23
CA LYS C 139 2.85 -3.53 24.19
C LYS C 139 4.26 -3.72 23.67
N GLU C 140 4.39 -3.63 22.34
CA GLU C 140 5.67 -3.81 21.64
C GLU C 140 6.33 -5.19 21.74
N SER C 141 5.60 -6.18 22.24
CA SER C 141 6.08 -7.56 22.21
C SER C 141 6.24 -7.99 20.76
N THR C 142 7.16 -8.91 20.51
CA THR C 142 7.29 -9.51 19.18
C THR C 142 6.84 -10.97 19.20
N LEU C 143 5.98 -11.34 18.25
CA LEU C 143 5.62 -12.75 18.03
C LEU C 143 6.25 -13.23 16.72
N HIS C 144 6.25 -14.54 16.48
CA HIS C 144 6.75 -15.12 15.23
C HIS C 144 5.67 -15.87 14.46
N LEU C 145 5.61 -15.62 13.16
CA LEU C 145 4.65 -16.29 12.30
C LEU C 145 5.38 -17.35 11.51
N VAL C 146 4.92 -18.59 11.59
CA VAL C 146 5.37 -19.60 10.63
C VAL C 146 4.22 -20.07 9.76
N LEU C 147 4.51 -20.24 8.48
CA LEU C 147 3.52 -20.61 7.49
C LEU C 147 3.39 -22.11 7.46
N ARG C 148 2.16 -22.61 7.45
CA ARG C 148 1.94 -24.02 7.15
C ARG C 148 1.55 -24.18 5.68
N LEU C 149 2.47 -24.76 4.90
CA LEU C 149 2.26 -24.88 3.46
C LEU C 149 2.07 -26.34 3.09
N ARG C 150 1.20 -26.59 2.12
CA ARG C 150 0.88 -27.94 1.70
C ARG C 150 2.03 -28.57 0.89
N GLY C 151 1.91 -29.86 0.62
CA GLY C 151 2.85 -30.56 -0.24
C GLY C 151 3.82 -31.43 0.54
N GLY C 152 3.67 -31.44 1.86
CA GLY C 152 4.55 -32.19 2.73
C GLY C 152 4.35 -33.70 2.64
N GLY D 1 9.49 16.48 25.29
CA GLY D 1 9.27 17.92 25.25
C GLY D 1 9.07 18.43 23.85
N PRO D 2 8.30 19.53 23.71
CA PRO D 2 8.04 20.17 22.41
C PRO D 2 9.31 20.74 21.81
N GLY D 3 10.37 20.80 22.61
CA GLY D 3 11.59 21.50 22.25
C GLY D 3 12.51 20.85 21.24
N HIS D 4 13.04 19.68 21.56
CA HIS D 4 14.08 19.08 20.73
C HIS D 4 13.49 18.37 19.50
N MET D 5 14.26 18.34 18.41
CA MET D 5 13.83 17.66 17.19
C MET D 5 14.18 16.17 17.24
N PRO D 6 13.23 15.33 16.81
CA PRO D 6 13.39 13.88 16.94
C PRO D 6 14.54 13.34 16.07
N VAL D 7 15.18 12.29 16.55
CA VAL D 7 16.20 11.59 15.80
C VAL D 7 15.65 10.23 15.40
N GLY D 8 15.76 9.90 14.12
CA GLY D 8 15.38 8.55 13.70
C GLY D 8 14.87 8.55 12.27
N TRP D 9 14.06 7.56 11.93
CA TRP D 9 13.54 7.45 10.58
C TRP D 9 12.18 8.09 10.44
N GLN D 10 12.05 9.02 9.50
CA GLN D 10 10.73 9.58 9.22
C GLN D 10 9.87 8.54 8.51
N CYS D 11 8.65 8.31 9.00
CA CYS D 11 7.69 7.51 8.25
C CYS D 11 7.21 8.34 7.06
N PRO D 12 7.42 7.85 5.82
CA PRO D 12 6.96 8.65 4.69
C PRO D 12 5.44 8.73 4.59
N GLY D 13 4.75 7.89 5.34
CA GLY D 13 3.29 7.87 5.30
C GLY D 13 2.66 8.97 6.14
N CYS D 14 3.07 9.08 7.41
CA CYS D 14 2.47 10.03 8.34
C CYS D 14 3.44 11.13 8.79
N THR D 15 4.72 10.98 8.45
CA THR D 15 5.81 11.89 8.79
C THR D 15 6.29 11.86 10.25
N PHE D 16 5.76 10.93 11.05
CA PHE D 16 6.28 10.75 12.41
C PHE D 16 7.74 10.31 12.30
N ILE D 17 8.60 10.83 13.18
CA ILE D 17 9.99 10.37 13.20
C ILE D 17 10.21 9.30 14.29
N ASN D 18 10.55 8.10 13.85
CA ASN D 18 10.61 6.90 14.69
C ASN D 18 11.97 6.61 15.28
N LYS D 19 11.98 5.90 16.40
CA LYS D 19 13.22 5.39 16.96
C LYS D 19 13.93 4.57 15.89
N PRO D 20 15.24 4.82 15.69
CA PRO D 20 15.97 4.14 14.62
C PRO D 20 15.75 2.63 14.60
N THR D 21 15.58 2.00 15.77
CA THR D 21 15.51 0.54 15.86
C THR D 21 14.09 -0.09 15.76
N ARG D 22 13.05 0.73 15.68
CA ARG D 22 11.69 0.23 15.58
C ARG D 22 11.43 -0.28 14.18
N PRO D 23 10.91 -1.51 14.05
CA PRO D 23 10.64 -2.20 12.78
C PRO D 23 9.56 -1.53 11.93
N GLY D 24 8.63 -0.82 12.57
CA GLY D 24 7.50 -0.21 11.88
C GLY D 24 7.02 1.03 12.61
N CYS D 25 6.23 1.87 11.94
CA CYS D 25 5.89 3.19 12.49
C CYS D 25 5.06 3.12 13.79
N GLU D 26 5.53 3.83 14.79
CA GLU D 26 4.88 3.89 16.10
C GLU D 26 3.49 4.55 16.05
N MET D 27 3.25 5.38 15.03
CA MET D 27 1.93 5.98 14.83
C MET D 27 1.01 5.16 13.90
N CYS D 28 1.50 4.79 12.73
CA CYS D 28 0.60 4.23 11.70
C CYS D 28 0.90 2.79 11.26
N CYS D 29 1.91 2.17 11.88
CA CYS D 29 2.27 0.77 11.61
C CYS D 29 3.04 0.50 10.31
N ARG D 30 3.23 1.52 9.47
CA ARG D 30 3.95 1.31 8.20
C ARG D 30 5.40 0.88 8.42
N ALA D 31 5.89 0.02 7.54
CA ALA D 31 7.24 -0.53 7.67
C ALA D 31 8.34 0.53 7.53
N ARG D 32 9.45 0.34 8.23
CA ARG D 32 10.60 1.25 8.15
C ARG D 32 11.18 1.22 6.73
N PRO D 33 11.65 2.37 6.22
CA PRO D 33 12.26 2.38 4.89
C PRO D 33 13.46 1.47 4.86
N GLU D 34 13.63 0.73 3.76
CA GLU D 34 14.67 -0.28 3.68
C GLU D 34 16.06 0.33 3.62
N THR D 35 16.20 1.52 3.05
CA THR D 35 17.52 2.11 2.90
C THR D 35 18.00 2.89 4.15
N TYR D 36 17.12 3.05 5.15
CA TYR D 36 17.48 3.76 6.36
C TYR D 36 18.47 2.92 7.18
N GLN D 37 19.53 3.56 7.66
CA GLN D 37 20.54 2.85 8.45
C GLN D 37 20.50 3.30 9.90
N ILE D 38 20.44 2.33 10.80
CA ILE D 38 20.55 2.62 12.23
C ILE D 38 21.97 3.12 12.48
N PRO D 39 22.09 4.36 12.99
CA PRO D 39 23.41 4.94 13.25
C PRO D 39 24.14 4.14 14.32
N ALA D 40 25.39 3.79 14.05
CA ALA D 40 26.18 3.05 15.02
C ALA D 40 26.23 3.77 16.36
N SER D 41 26.07 5.10 16.32
CA SER D 41 26.21 5.94 17.50
C SER D 41 24.88 6.18 18.24
N TYR D 42 23.81 5.54 17.79
CA TYR D 42 22.50 5.65 18.44
C TYR D 42 22.50 5.08 19.85
N GLN D 43 21.89 5.82 20.78
CA GLN D 43 21.76 5.35 22.15
C GLN D 43 20.27 5.34 22.53
N PRO D 44 19.63 4.16 22.48
CA PRO D 44 18.18 4.11 22.67
C PRO D 44 17.75 4.53 24.08
N ASP D 45 16.50 4.97 24.24
CA ASP D 45 15.97 5.26 25.56
C ASP D 45 15.89 3.94 26.33
N GLU D 46 15.76 4.01 27.65
CA GLU D 46 15.81 2.81 28.48
C GLU D 46 14.72 1.81 28.09
N GLU D 47 13.56 2.31 27.68
CA GLU D 47 12.46 1.42 27.30
C GLU D 47 12.74 0.65 26.00
N GLU D 48 13.34 1.30 25.02
CA GLU D 48 13.67 0.63 23.76
C GLU D 48 14.90 -0.28 23.95
N ARG D 49 15.84 0.14 24.79
CA ARG D 49 16.98 -0.72 25.12
C ARG D 49 16.50 -2.01 25.76
N ALA D 50 15.58 -1.90 26.70
CA ALA D 50 14.95 -3.07 27.32
C ALA D 50 14.23 -3.96 26.30
N ARG D 51 13.53 -3.34 25.35
CA ARG D 51 12.84 -4.08 24.31
C ARG D 51 13.86 -4.90 23.50
N LEU D 52 14.94 -4.23 23.09
CA LEU D 52 15.96 -4.89 22.28
C LEU D 52 16.67 -5.98 23.06
N ALA D 53 16.82 -5.77 24.37
CA ALA D 53 17.50 -6.74 25.22
C ALA D 53 16.67 -8.00 25.35
N GLY D 54 15.34 -7.85 25.34
CA GLY D 54 14.46 -9.01 25.37
C GLY D 54 14.59 -9.89 24.13
N GLU D 55 14.66 -9.26 22.96
CA GLU D 55 14.87 -9.97 21.69
C GLU D 55 16.19 -10.74 21.75
N GLU D 56 17.24 -10.05 22.14
CA GLU D 56 18.56 -10.68 22.21
C GLU D 56 18.56 -11.87 23.14
N GLU D 57 17.90 -11.72 24.29
CA GLU D 57 17.88 -12.80 25.27
C GLU D 57 17.15 -14.03 24.73
N ALA D 58 16.14 -13.81 23.90
CA ALA D 58 15.42 -14.92 23.27
C ALA D 58 16.34 -15.73 22.35
N LEU D 59 17.24 -15.04 21.65
CA LEU D 59 18.21 -15.69 20.76
C LEU D 59 19.33 -16.42 21.49
N ARG D 60 19.95 -15.75 22.46
CA ARG D 60 21.10 -16.27 23.21
C ARG D 60 20.66 -17.22 24.30
N GLN D 61 20.71 -18.52 24.04
CA GLN D 61 20.16 -19.49 24.96
C GLN D 61 21.21 -20.37 25.66
N TYR D 62 22.47 -20.28 25.24
CA TYR D 62 23.50 -21.17 25.80
C TYR D 62 24.78 -20.46 26.23
N GLN D 63 25.39 -21.02 27.28
CA GLN D 63 26.72 -20.63 27.77
C GLN D 63 26.75 -20.53 29.29
C TAM E . -8.29 28.70 -14.66
C1 TAM E . -8.65 27.26 -14.72
C2 TAM E . -9.30 29.32 -13.76
C3 TAM E . -8.33 29.25 -16.05
C4 TAM E . -7.60 26.36 -14.22
C5 TAM E . -9.10 29.15 -12.28
C6 TAM E . -7.21 28.94 -17.01
N TAM E . -6.99 28.93 -14.06
O4 TAM E . -6.32 26.69 -14.58
O5 TAM E . -8.48 28.00 -11.83
O6 TAM E . -6.13 28.21 -16.55
ZN ZN F . 0.80 -6.32 -11.76
ZN ZN G . 3.69 6.41 10.07
#